data_3KME
#
_entry.id   3KME
#
_cell.length_a   71.485
_cell.length_b   76.213
_cell.length_c   104.722
_cell.angle_alpha   90.00
_cell.angle_beta   90.00
_cell.angle_gamma   90.00
#
_symmetry.space_group_name_H-M   'P 21 21 21'
#
loop_
_entity.id
_entity.type
_entity.pdbx_description
1 polymer 'TNF-alpha-converting enzyme'
2 non-polymer 'ZINC ION'
3 non-polymer N-{(2R)-2-[2-(hydroxyamino)-2-oxoethyl]-4-methylpentanoyl}-3-methyl-L-valyl-N-(2-aminoethyl)-L-alaninamide
4 non-polymer 'ISOPROPYL ALCOHOL'
5 non-polymer (2R,3R)-2,3-dihydroxy-4-oxo-4-[(2R)-2-phenylpyrrolidin-1-yl]-N-(thiophen-2-ylmethyl)butanamide
6 water water
#
_entity_poly.entity_id   1
_entity_poly.type   'polypeptide(L)'
_entity_poly.pdbx_seq_one_letter_code
;RADPDPMKNTCKLLVVADHRFYRYMGRGEESTTTNYLIELIDRVDDIYRNTAWDNAGFKGYGIQIEQIRILKSPQEVKPG
EKHYNMAKSYPNEEKDAWDVKMLLEQFSFDIAEEASKVCLAHLFTYQDFDMGTLGLAYGGSPRANSHGGVCPKAYYSPVG
KKNIYLNSGLTSTKNYGKTILTKEADLVTTHELGHNFGAEHDPDGLAECAPNEDQGGKYVMYPIAVSGDHENNKMFSQCS
KQSIYKTIESKAQECFQERSNKGSHHHHHH
;
_entity_poly.pdbx_strand_id   A,B
#
# COMPACT_ATOMS: atom_id res chain seq x y z
N PRO A 4 -0.67 4.38 0.83
CA PRO A 4 -0.52 5.61 0.05
C PRO A 4 -0.98 6.87 0.79
N ASP A 5 -0.28 8.00 0.57
CA ASP A 5 -0.64 9.30 1.15
C ASP A 5 -1.47 10.05 0.08
N PRO A 6 -2.80 10.25 0.29
CA PRO A 6 -3.61 10.95 -0.72
C PRO A 6 -3.20 12.42 -0.92
N MET A 7 -2.48 12.99 0.06
CA MET A 7 -1.99 14.37 -0.03
C MET A 7 -0.70 14.43 -0.86
N LYS A 8 -0.05 13.27 -1.14
CA LYS A 8 1.21 13.19 -1.90
C LYS A 8 1.17 12.00 -2.85
N ASN A 9 0.19 11.99 -3.76
CA ASN A 9 0.02 10.89 -4.69
C ASN A 9 0.13 11.29 -6.16
N THR A 10 0.41 12.58 -6.45
CA THR A 10 0.44 13.14 -7.82
C THR A 10 1.75 13.84 -8.20
N CYS A 11 2.32 13.42 -9.33
CA CYS A 11 3.54 14.04 -9.86
C CYS A 11 3.05 15.14 -10.80
N LYS A 12 3.21 16.40 -10.39
CA LYS A 12 2.80 17.56 -11.22
C LYS A 12 3.85 17.80 -12.31
N LEU A 13 3.37 18.05 -13.53
CA LEU A 13 4.23 18.25 -14.68
C LEU A 13 4.28 19.65 -15.25
N LEU A 14 5.46 20.02 -15.71
CA LEU A 14 5.62 21.18 -16.58
C LEU A 14 5.70 20.52 -17.98
N VAL A 15 4.74 20.80 -18.83
CA VAL A 15 4.68 20.29 -20.20
C VAL A 15 5.10 21.41 -21.17
N VAL A 16 6.05 21.13 -22.06
CA VAL A 16 6.51 22.16 -22.99
C VAL A 16 6.27 21.71 -24.42
N ALA A 17 5.58 22.55 -25.20
CA ALA A 17 5.37 22.33 -26.63
C ALA A 17 6.31 23.25 -27.37
N ASP A 18 7.30 22.69 -28.09
CA ASP A 18 8.20 23.56 -28.85
C ASP A 18 7.53 24.11 -30.13
N HIS A 19 8.24 24.95 -30.90
CA HIS A 19 7.69 25.52 -32.13
C HIS A 19 7.31 24.49 -33.17
N ARG A 20 8.08 23.38 -33.24
CA ARG A 20 7.83 22.27 -34.17
C ARG A 20 6.48 21.63 -33.83
N PHE A 21 6.25 21.36 -32.53
CA PHE A 21 5.00 20.80 -32.05
C PHE A 21 3.85 21.79 -32.33
N TYR A 22 4.05 23.07 -32.00
CA TYR A 22 3.06 24.12 -32.24
C TYR A 22 2.60 24.19 -33.71
N ARG A 23 3.57 24.19 -34.64
CA ARG A 23 3.31 24.26 -36.08
C ARG A 23 2.65 22.99 -36.63
N TYR A 24 3.26 21.82 -36.40
CA TYR A 24 2.79 20.56 -36.97
C TYR A 24 1.70 19.80 -36.27
N MET A 25 1.65 19.87 -34.92
CA MET A 25 0.62 19.20 -34.14
C MET A 25 -0.48 20.20 -33.76
N GLY A 26 -0.07 21.40 -33.35
CA GLY A 26 -1.04 22.43 -33.01
C GLY A 26 -1.68 23.14 -34.19
N ARG A 27 -1.18 22.88 -35.41
CA ARG A 27 -1.60 23.52 -36.67
C ARG A 27 -1.57 25.06 -36.52
N GLY A 28 -0.57 25.54 -35.79
CA GLY A 28 -0.38 26.96 -35.49
C GLY A 28 -1.43 27.58 -34.59
N GLU A 29 -2.10 26.76 -33.75
CA GLU A 29 -3.13 27.20 -32.82
C GLU A 29 -2.84 26.74 -31.40
N GLU A 30 -2.98 27.65 -30.42
CA GLU A 30 -2.76 27.35 -29.00
C GLU A 30 -3.80 26.35 -28.45
N SER A 31 -5.12 26.56 -28.78
CA SER A 31 -6.18 25.68 -28.30
C SER A 31 -5.95 24.25 -28.79
N THR A 32 -5.61 24.07 -30.07
CA THR A 32 -5.34 22.74 -30.65
C THR A 32 -4.12 22.09 -29.95
N THR A 33 -3.06 22.89 -29.70
CA THR A 33 -1.84 22.42 -29.04
C THR A 33 -2.15 21.93 -27.62
N THR A 34 -2.81 22.78 -26.82
CA THR A 34 -3.13 22.46 -25.42
C THR A 34 -4.10 21.28 -25.29
N ASN A 35 -5.19 21.26 -26.10
CA ASN A 35 -6.18 20.18 -26.05
CA ASN A 35 -6.17 20.16 -26.06
C ASN A 35 -5.50 18.83 -26.28
N TYR A 36 -4.62 18.74 -27.30
CA TYR A 36 -3.88 17.52 -27.63
C TYR A 36 -3.14 17.01 -26.39
N LEU A 37 -2.38 17.91 -25.76
CA LEU A 37 -1.56 17.60 -24.59
C LEU A 37 -2.34 17.23 -23.33
N ILE A 38 -3.40 17.98 -23.03
CA ILE A 38 -4.30 17.75 -21.90
C ILE A 38 -4.91 16.33 -22.04
N GLU A 39 -5.41 15.99 -23.23
CA GLU A 39 -6.00 14.66 -23.49
C GLU A 39 -4.99 13.55 -23.40
N LEU A 40 -3.79 13.73 -24.00
CA LEU A 40 -2.72 12.72 -23.96
C LEU A 40 -2.32 12.45 -22.48
N ILE A 41 -1.98 13.52 -21.70
CA ILE A 41 -1.58 13.35 -20.29
C ILE A 41 -2.69 12.64 -19.44
N ASP A 42 -3.95 13.01 -19.68
CA ASP A 42 -5.06 12.40 -18.97
C ASP A 42 -5.17 10.89 -19.29
N ARG A 43 -4.98 10.48 -20.57
CA ARG A 43 -5.05 9.04 -20.89
C ARG A 43 -3.84 8.32 -20.26
N VAL A 44 -2.67 8.98 -20.25
CA VAL A 44 -1.48 8.45 -19.63
C VAL A 44 -1.74 8.31 -18.11
N ASP A 45 -2.32 9.33 -17.52
CA ASP A 45 -2.67 9.34 -16.09
C ASP A 45 -3.58 8.12 -15.73
N ASP A 46 -4.57 7.78 -16.59
CA ASP A 46 -5.41 6.58 -16.38
C ASP A 46 -4.58 5.29 -16.22
N ILE A 47 -3.53 5.10 -17.03
CA ILE A 47 -2.66 3.91 -16.94
C ILE A 47 -1.99 3.88 -15.58
N TYR A 48 -1.36 5.01 -15.19
CA TYR A 48 -0.67 5.12 -13.91
C TYR A 48 -1.57 4.96 -12.68
N ARG A 49 -2.63 5.75 -12.63
CA ARG A 49 -3.58 5.82 -11.51
C ARG A 49 -4.22 4.44 -11.21
N ASN A 50 -4.51 3.67 -12.26
CA ASN A 50 -5.09 2.33 -12.15
C ASN A 50 -4.08 1.22 -11.88
N THR A 51 -2.76 1.53 -11.93
CA THR A 51 -1.74 0.52 -11.65
C THR A 51 -1.57 0.32 -10.15
N ALA A 52 -1.65 -0.95 -9.71
CA ALA A 52 -1.38 -1.33 -8.31
C ALA A 52 0.10 -1.74 -8.32
N TRP A 53 0.97 -0.84 -7.84
CA TRP A 53 2.43 -1.03 -7.84
C TRP A 53 2.92 -2.27 -7.04
N ASP A 54 2.17 -2.65 -5.99
CA ASP A 54 2.47 -3.81 -5.15
C ASP A 54 1.48 -4.96 -5.45
N ASN A 55 0.64 -4.80 -6.51
CA ASN A 55 -0.42 -5.73 -6.91
C ASN A 55 -1.56 -5.82 -5.84
N ALA A 56 -1.66 -4.80 -4.97
CA ALA A 56 -2.70 -4.77 -3.95
C ALA A 56 -3.37 -3.40 -3.89
N GLY A 57 -3.19 -2.66 -2.80
CA GLY A 57 -3.81 -1.35 -2.62
C GLY A 57 -2.91 -0.16 -2.90
N PHE A 58 -1.63 -0.40 -3.27
CA PHE A 58 -0.73 0.72 -3.55
C PHE A 58 -1.00 1.22 -4.97
N LYS A 59 -2.13 1.92 -5.13
CA LYS A 59 -2.60 2.46 -6.41
C LYS A 59 -3.11 3.88 -6.20
N GLY A 60 -3.52 4.55 -7.28
CA GLY A 60 -3.98 5.93 -7.18
C GLY A 60 -2.87 6.94 -7.36
N TYR A 61 -1.66 6.49 -7.79
CA TYR A 61 -0.55 7.39 -8.07
C TYR A 61 -0.60 7.80 -9.52
N GLY A 62 -0.47 9.08 -9.79
CA GLY A 62 -0.55 9.56 -11.16
C GLY A 62 0.17 10.85 -11.44
N ILE A 63 -0.25 11.45 -12.56
CA ILE A 63 0.35 12.66 -13.08
C ILE A 63 -0.72 13.68 -13.44
N GLN A 64 -0.40 14.95 -13.31
CA GLN A 64 -1.28 16.04 -13.74
C GLN A 64 -0.44 17.19 -14.23
N ILE A 65 -0.98 17.94 -15.20
CA ILE A 65 -0.31 19.09 -15.75
C ILE A 65 -0.48 20.27 -14.80
N GLU A 66 0.64 20.90 -14.43
CA GLU A 66 0.63 22.12 -13.63
C GLU A 66 0.63 23.31 -14.61
N GLN A 67 1.40 23.18 -15.71
CA GLN A 67 1.58 24.27 -16.68
C GLN A 67 1.97 23.71 -18.03
N ILE A 68 1.43 24.33 -19.08
CA ILE A 68 1.81 24.07 -20.47
C ILE A 68 2.49 25.34 -21.02
N ARG A 69 3.77 25.24 -21.37
CA ARG A 69 4.49 26.33 -22.02
C ARG A 69 4.34 26.10 -23.51
N ILE A 70 3.93 27.12 -24.25
CA ILE A 70 3.69 27.01 -25.70
C ILE A 70 4.68 27.93 -26.41
N LEU A 71 5.65 27.34 -27.11
CA LEU A 71 6.64 28.12 -27.84
C LEU A 71 6.19 28.24 -29.29
N LYS A 72 5.59 29.40 -29.61
CA LYS A 72 4.99 29.67 -30.92
C LYS A 72 5.99 29.81 -32.08
N SER A 73 7.18 30.34 -31.77
CA SER A 73 8.19 30.58 -32.78
C SER A 73 9.57 30.04 -32.37
N PRO A 74 10.53 29.82 -33.31
CA PRO A 74 11.86 29.35 -32.88
C PRO A 74 12.59 30.36 -31.97
N GLN A 75 13.46 29.84 -31.10
CA GLN A 75 14.26 30.66 -30.20
C GLN A 75 15.43 31.22 -31.01
N GLU A 76 15.58 32.55 -31.01
CA GLU A 76 16.69 33.25 -31.65
C GLU A 76 17.94 32.97 -30.82
N VAL A 77 19.02 32.55 -31.51
CA VAL A 77 20.30 32.21 -30.88
C VAL A 77 21.45 33.02 -31.53
N LYS A 78 22.50 33.29 -30.74
CA LYS A 78 23.72 33.99 -31.15
C LYS A 78 24.64 32.95 -31.82
N PRO A 79 25.64 33.33 -32.67
CA PRO A 79 26.52 32.31 -33.27
C PRO A 79 27.22 31.46 -32.20
N GLY A 80 27.23 30.14 -32.42
CA GLY A 80 27.81 29.17 -31.50
C GLY A 80 26.92 28.79 -30.33
N GLU A 81 25.78 29.51 -30.16
CA GLU A 81 24.83 29.25 -29.07
C GLU A 81 23.71 28.34 -29.56
N LYS A 82 23.34 27.38 -28.73
CA LYS A 82 22.24 26.44 -29.03
C LYS A 82 21.13 26.54 -27.97
N HIS A 83 19.91 26.14 -28.36
CA HIS A 83 18.75 26.18 -27.47
C HIS A 83 17.83 25.07 -27.98
N TYR A 84 17.14 24.34 -27.09
CA TYR A 84 16.29 23.23 -27.53
C TYR A 84 15.17 23.66 -28.52
N ASN A 85 14.76 24.94 -28.43
CA ASN A 85 13.71 25.51 -29.27
C ASN A 85 14.25 26.29 -30.48
N MET A 86 15.58 26.26 -30.73
CA MET A 86 16.13 26.96 -31.93
C MET A 86 15.56 26.34 -33.22
N ALA A 87 15.64 27.07 -34.34
CA ALA A 87 15.13 26.60 -35.63
C ALA A 87 15.89 25.39 -36.17
N LYS A 88 17.21 25.40 -36.03
CA LYS A 88 18.03 24.33 -36.59
C LYS A 88 18.22 23.10 -35.70
N SER A 89 18.42 21.94 -36.33
CA SER A 89 18.71 20.69 -35.62
C SER A 89 20.20 20.71 -35.25
N TYR A 90 20.56 20.00 -34.19
CA TYR A 90 21.93 19.90 -33.67
C TYR A 90 22.23 18.42 -33.33
N PRO A 91 23.41 17.87 -33.70
CA PRO A 91 24.59 18.53 -34.29
C PRO A 91 24.60 18.66 -35.82
N ASN A 92 23.68 17.99 -36.51
CA ASN A 92 23.67 18.04 -37.98
C ASN A 92 22.42 18.77 -38.47
N GLU A 93 22.59 20.05 -38.92
CA GLU A 93 21.51 20.93 -39.41
C GLU A 93 20.79 20.41 -40.65
N GLU A 94 21.46 19.56 -41.43
CA GLU A 94 20.91 18.96 -42.65
C GLU A 94 19.85 17.88 -42.32
N LYS A 95 19.73 17.50 -41.02
CA LYS A 95 18.78 16.48 -40.59
C LYS A 95 17.50 17.10 -40.08
N ASP A 96 16.39 16.38 -40.19
CA ASP A 96 15.11 16.84 -39.67
C ASP A 96 15.17 17.02 -38.15
N ALA A 97 15.93 16.16 -37.46
CA ALA A 97 16.00 16.13 -36.01
C ALA A 97 17.37 16.26 -35.37
N TRP A 98 17.34 16.63 -34.08
CA TRP A 98 18.53 16.65 -33.23
C TRP A 98 18.93 15.18 -32.96
N ASP A 99 20.16 15.00 -32.45
CA ASP A 99 20.58 13.76 -31.84
C ASP A 99 19.71 13.77 -30.56
N VAL A 100 18.94 12.71 -30.32
CA VAL A 100 18.00 12.65 -29.18
C VAL A 100 18.63 12.90 -27.79
N LYS A 101 19.78 12.30 -27.50
CA LYS A 101 20.47 12.47 -26.20
C LYS A 101 20.91 13.93 -26.01
N MET A 102 21.46 14.55 -27.07
CA MET A 102 21.87 15.97 -26.99
C MET A 102 20.66 16.88 -26.79
N LEU A 103 19.51 16.54 -27.43
CA LEU A 103 18.30 17.34 -27.25
C LEU A 103 17.80 17.30 -25.80
N LEU A 104 17.75 16.10 -25.21
CA LEU A 104 17.30 15.96 -23.81
C LEU A 104 18.23 16.74 -22.87
N GLU A 105 19.56 16.63 -23.07
CA GLU A 105 20.53 17.40 -22.28
C GLU A 105 20.31 18.92 -22.44
N GLN A 106 20.07 19.39 -23.70
CA GLN A 106 19.86 20.83 -23.99
C GLN A 106 18.56 21.32 -23.35
N PHE A 107 17.48 20.54 -23.50
CA PHE A 107 16.19 20.87 -22.90
C PHE A 107 16.37 21.06 -21.36
N SER A 108 17.04 20.09 -20.72
CA SER A 108 17.33 20.10 -19.26
C SER A 108 18.12 21.35 -18.87
N PHE A 109 19.12 21.71 -19.68
CA PHE A 109 19.92 22.92 -19.43
C PHE A 109 19.02 24.17 -19.49
N ASP A 110 18.28 24.37 -20.60
CA ASP A 110 17.43 25.55 -20.78
C ASP A 110 16.26 25.69 -19.80
N ILE A 111 15.67 24.57 -19.40
CA ILE A 111 14.49 24.54 -18.52
C ILE A 111 14.84 24.41 -17.05
N ALA A 112 16.14 24.46 -16.70
CA ALA A 112 16.59 24.25 -15.31
C ALA A 112 15.84 24.99 -14.21
N GLU A 113 15.66 26.32 -14.35
CA GLU A 113 14.98 27.08 -13.28
C GLU A 113 13.54 26.60 -13.05
N GLU A 114 12.80 26.38 -14.13
CA GLU A 114 11.41 25.89 -14.07
C GLU A 114 11.36 24.43 -13.56
N ALA A 115 12.31 23.57 -14.03
CA ALA A 115 12.35 22.16 -13.66
C ALA A 115 12.59 21.97 -12.17
N SER A 116 13.34 22.91 -11.54
CA SER A 116 13.60 22.82 -10.09
C SER A 116 12.32 22.94 -9.25
N LYS A 117 11.23 23.49 -9.81
CA LYS A 117 9.99 23.75 -9.08
C LYS A 117 8.87 22.72 -9.30
N VAL A 118 9.12 21.72 -10.16
CA VAL A 118 8.10 20.70 -10.51
C VAL A 118 8.62 19.28 -10.31
N CYS A 119 7.69 18.32 -10.18
CA CYS A 119 8.08 16.92 -10.05
C CYS A 119 8.82 16.46 -11.33
N LEU A 120 8.25 16.77 -12.52
CA LEU A 120 8.84 16.46 -13.82
C LEU A 120 8.58 17.56 -14.86
N ALA A 121 9.50 17.69 -15.82
CA ALA A 121 9.35 18.56 -16.98
C ALA A 121 9.37 17.61 -18.16
N HIS A 122 8.44 17.79 -19.12
CA HIS A 122 8.40 16.95 -20.32
C HIS A 122 8.33 17.81 -21.58
N LEU A 123 9.23 17.56 -22.51
CA LEU A 123 9.22 18.26 -23.80
C LEU A 123 8.42 17.47 -24.84
N PHE A 124 7.51 18.14 -25.57
CA PHE A 124 6.81 17.55 -26.70
C PHE A 124 7.30 18.27 -27.95
N THR A 125 7.83 17.50 -28.89
CA THR A 125 8.38 18.02 -30.14
C THR A 125 7.82 17.29 -31.36
N TYR A 126 8.26 17.72 -32.54
CA TYR A 126 7.85 17.14 -33.80
C TYR A 126 9.06 17.08 -34.72
N GLN A 127 9.84 16.02 -34.55
CA GLN A 127 11.05 15.79 -35.33
C GLN A 127 11.33 14.32 -35.49
N ASP A 128 11.84 13.98 -36.66
CA ASP A 128 12.09 12.60 -37.03
C ASP A 128 13.45 12.12 -36.58
N PHE A 129 13.54 11.63 -35.32
CA PHE A 129 14.80 11.09 -34.78
C PHE A 129 15.23 9.91 -35.60
N ASP A 130 16.52 9.81 -35.82
CA ASP A 130 17.12 8.73 -36.58
C ASP A 130 16.74 7.35 -36.07
N MET A 131 16.54 6.41 -37.01
CA MET A 131 16.32 5.00 -36.73
C MET A 131 15.09 4.61 -35.89
N GLY A 132 14.03 5.41 -35.97
CA GLY A 132 12.75 5.11 -35.33
C GLY A 132 12.60 5.46 -33.87
N THR A 133 13.57 6.22 -33.31
CA THR A 133 13.50 6.66 -31.90
C THR A 133 12.31 7.60 -31.73
N LEU A 134 11.53 7.40 -30.66
CA LEU A 134 10.36 8.23 -30.36
C LEU A 134 10.48 9.16 -29.16
N GLY A 135 11.35 8.82 -28.23
CA GLY A 135 11.55 9.65 -27.05
C GLY A 135 12.73 9.22 -26.22
N LEU A 136 12.94 9.94 -25.11
CA LEU A 136 14.07 9.70 -24.19
C LEU A 136 13.75 10.31 -22.82
N ALA A 137 14.36 9.79 -21.75
CA ALA A 137 14.08 10.31 -20.40
C ALA A 137 15.20 9.92 -19.45
N TYR A 138 15.35 10.66 -18.33
CA TYR A 138 16.31 10.27 -17.30
C TYR A 138 15.58 9.37 -16.28
N GLY A 139 16.31 8.45 -15.67
CA GLY A 139 15.77 7.50 -14.69
C GLY A 139 15.65 6.12 -15.32
N GLY A 140 15.63 5.08 -14.48
CA GLY A 140 15.52 3.70 -14.94
C GLY A 140 16.48 3.33 -16.06
N SER A 141 17.76 3.71 -15.90
CA SER A 141 18.82 3.44 -16.86
C SER A 141 19.77 2.38 -16.30
N PRO A 142 20.26 1.41 -17.11
CA PRO A 142 21.18 0.40 -16.56
C PRO A 142 22.63 0.86 -16.49
N HIS A 147 21.63 8.70 -13.18
CA HIS A 147 20.51 8.94 -12.26
C HIS A 147 19.45 9.86 -12.91
N GLY A 148 18.45 10.27 -12.13
CA GLY A 148 17.37 11.13 -12.61
C GLY A 148 15.97 10.60 -12.41
N GLY A 149 15.01 11.28 -13.00
CA GLY A 149 13.61 10.91 -12.87
C GLY A 149 12.85 11.84 -11.94
N VAL A 150 11.70 11.37 -11.41
CA VAL A 150 10.78 12.15 -10.55
C VAL A 150 11.51 12.88 -9.43
N CYS A 151 11.14 14.17 -9.20
CA CYS A 151 11.71 15.11 -8.21
C CYS A 151 13.07 15.63 -8.68
N PRO A 152 13.21 16.97 -8.78
CA PRO A 152 14.47 17.52 -9.33
C PRO A 152 15.68 17.11 -8.52
N LYS A 153 16.63 16.49 -9.21
CA LYS A 153 17.92 16.10 -8.64
C LYS A 153 18.96 16.91 -9.42
N ALA A 154 19.74 17.73 -8.71
CA ALA A 154 20.74 18.57 -9.36
C ALA A 154 21.91 17.74 -9.92
N TYR A 155 22.44 18.21 -11.02
CA TYR A 155 23.64 17.66 -11.65
C TYR A 155 24.42 18.87 -12.13
N TYR A 156 25.67 19.03 -11.65
CA TYR A 156 26.48 20.14 -12.12
C TYR A 156 27.04 19.81 -13.49
N SER A 157 26.62 20.58 -14.50
CA SER A 157 27.08 20.36 -15.88
C SER A 157 28.46 21.03 -16.12
N PRO A 158 29.56 20.26 -16.28
CA PRO A 158 30.88 20.88 -16.52
C PRO A 158 30.89 21.73 -17.79
N VAL A 159 30.18 21.26 -18.85
CA VAL A 159 29.99 21.95 -20.13
C VAL A 159 29.06 23.16 -19.94
N GLY A 160 27.89 22.94 -19.32
CA GLY A 160 26.91 23.99 -19.08
C GLY A 160 27.34 25.07 -18.11
N LYS A 161 28.29 24.74 -17.18
CA LYS A 161 28.81 25.63 -16.12
C LYS A 161 27.73 26.05 -15.09
N LYS A 162 26.71 25.21 -14.91
CA LYS A 162 25.59 25.47 -13.99
C LYS A 162 24.86 24.16 -13.65
N ASN A 163 24.03 24.20 -12.61
CA ASN A 163 23.25 23.03 -12.22
C ASN A 163 22.09 22.89 -13.18
N ILE A 164 21.84 21.65 -13.59
CA ILE A 164 20.69 21.23 -14.39
C ILE A 164 19.97 20.19 -13.52
N TYR A 165 18.70 19.89 -13.82
CA TYR A 165 17.94 18.93 -13.05
C TYR A 165 17.58 17.75 -13.92
N LEU A 166 17.65 16.56 -13.35
CA LEU A 166 17.45 15.33 -14.11
C LEU A 166 16.00 14.79 -14.14
N ASN A 167 15.03 15.65 -13.83
CA ASN A 167 13.60 15.28 -13.78
C ASN A 167 12.94 15.62 -15.13
N SER A 168 13.53 15.09 -16.20
CA SER A 168 13.09 15.44 -17.55
C SER A 168 12.96 14.27 -18.50
N GLY A 169 12.22 14.53 -19.57
CA GLY A 169 11.99 13.56 -20.63
C GLY A 169 11.42 14.27 -21.85
N LEU A 170 11.35 13.54 -22.97
CA LEU A 170 10.78 14.10 -24.19
C LEU A 170 10.08 13.06 -25.02
N THR A 171 9.09 13.54 -25.79
CA THR A 171 8.29 12.75 -26.71
C THR A 171 8.26 13.48 -28.06
N SER A 172 8.51 12.73 -29.17
CA SER A 172 8.27 13.28 -30.50
C SER A 172 7.05 12.55 -31.08
N THR A 173 6.15 13.28 -31.76
CA THR A 173 4.96 12.65 -32.38
C THR A 173 5.18 12.50 -33.89
N LYS A 174 6.42 12.65 -34.33
CA LYS A 174 6.78 12.44 -35.75
C LYS A 174 7.69 11.21 -35.83
N ASN A 175 7.41 10.30 -36.80
CA ASN A 175 8.28 9.16 -37.04
C ASN A 175 8.12 8.71 -38.49
N TYR A 176 9.26 8.51 -39.19
CA TYR A 176 9.30 8.08 -40.61
C TYR A 176 8.40 8.94 -41.50
N GLY A 177 8.60 10.25 -41.40
CA GLY A 177 7.92 11.23 -42.23
C GLY A 177 6.45 11.45 -41.98
N LYS A 178 5.90 10.90 -40.87
CA LYS A 178 4.48 11.17 -40.59
C LYS A 178 4.14 11.29 -39.12
N THR A 179 2.96 11.88 -38.85
CA THR A 179 2.45 11.99 -37.48
C THR A 179 2.07 10.59 -37.01
N ILE A 180 2.54 10.24 -35.82
CA ILE A 180 2.20 8.95 -35.23
C ILE A 180 0.71 9.00 -34.74
N LEU A 181 0.08 7.83 -34.59
CA LEU A 181 -1.30 7.73 -34.12
C LEU A 181 -1.35 8.22 -32.69
N THR A 182 -2.50 8.75 -32.27
CA THR A 182 -2.62 9.18 -30.86
C THR A 182 -2.42 7.97 -29.94
N LYS A 183 -2.91 6.77 -30.33
CA LYS A 183 -2.72 5.57 -29.51
C LYS A 183 -1.20 5.24 -29.39
N GLU A 184 -0.40 5.59 -30.43
CA GLU A 184 1.06 5.40 -30.40
C GLU A 184 1.72 6.46 -29.50
N ALA A 185 1.36 7.76 -29.69
CA ALA A 185 1.92 8.86 -28.87
C ALA A 185 1.69 8.64 -27.37
N ASP A 186 0.49 8.15 -26.97
CA ASP A 186 0.15 7.84 -25.55
C ASP A 186 1.17 6.89 -24.98
N LEU A 187 1.53 5.84 -25.76
CA LEU A 187 2.49 4.84 -25.35
C LEU A 187 3.91 5.37 -25.21
N VAL A 188 4.35 6.28 -26.12
CA VAL A 188 5.69 6.90 -26.04
C VAL A 188 5.78 7.61 -24.69
N THR A 189 4.84 8.54 -24.43
CA THR A 189 4.86 9.32 -23.17
C THR A 189 4.78 8.43 -21.94
N THR A 190 3.93 7.37 -21.97
CA THR A 190 3.82 6.43 -20.85
C THR A 190 5.20 5.78 -20.57
N HIS A 191 5.89 5.32 -21.62
CA HIS A 191 7.20 4.69 -21.56
C HIS A 191 8.26 5.65 -20.96
N GLU A 192 8.33 6.89 -21.50
CA GLU A 192 9.30 7.91 -21.05
C GLU A 192 9.07 8.28 -19.60
N LEU A 193 7.81 8.53 -19.23
CA LEU A 193 7.48 8.76 -17.80
C LEU A 193 7.77 7.53 -16.94
N GLY A 194 7.67 6.33 -17.54
CA GLY A 194 7.99 5.06 -16.87
C GLY A 194 9.45 5.06 -16.41
N HIS A 195 10.36 5.49 -17.33
CA HIS A 195 11.79 5.69 -17.00
C HIS A 195 11.93 6.69 -15.86
N ASN A 196 11.23 7.85 -15.95
CA ASN A 196 11.23 8.87 -14.89
C ASN A 196 10.77 8.30 -13.56
N PHE A 197 9.77 7.39 -13.61
CA PHE A 197 9.25 6.75 -12.39
C PHE A 197 10.16 5.64 -11.86
N GLY A 198 11.25 5.33 -12.57
CA GLY A 198 12.26 4.36 -12.13
C GLY A 198 12.34 3.05 -12.87
N ALA A 199 11.44 2.79 -13.83
CA ALA A 199 11.47 1.52 -14.58
C ALA A 199 12.54 1.48 -15.67
N GLU A 200 13.18 0.31 -15.81
CA GLU A 200 14.16 0.06 -16.86
C GLU A 200 13.41 -0.70 -17.95
N HIS A 201 14.05 -0.98 -19.07
CA HIS A 201 13.42 -1.75 -20.14
C HIS A 201 13.16 -3.17 -19.70
N ASP A 202 12.01 -3.73 -20.14
CA ASP A 202 11.65 -5.11 -19.86
C ASP A 202 12.61 -6.01 -20.66
N PRO A 203 13.27 -6.99 -19.99
CA PRO A 203 14.20 -7.86 -20.74
C PRO A 203 13.51 -9.11 -21.33
N ASP A 204 13.97 -9.60 -22.51
CA ASP A 204 13.44 -10.84 -23.13
C ASP A 204 13.62 -12.06 -22.21
N GLY A 205 14.71 -12.05 -21.42
CA GLY A 205 15.06 -13.11 -20.49
C GLY A 205 14.09 -13.39 -19.35
N LEU A 206 13.06 -12.53 -19.20
CA LEU A 206 12.03 -12.69 -18.17
C LEU A 206 10.68 -12.70 -18.85
N ALA A 207 10.21 -13.93 -19.17
CA ALA A 207 8.96 -14.16 -19.93
C ALA A 207 7.75 -13.45 -19.31
N GLU A 208 7.69 -13.40 -17.97
CA GLU A 208 6.62 -12.71 -17.20
C GLU A 208 6.57 -11.21 -17.58
N CYS A 209 7.75 -10.60 -17.84
CA CYS A 209 7.86 -9.18 -18.19
C CYS A 209 7.91 -8.89 -19.68
N ALA A 210 8.10 -9.91 -20.52
CA ALA A 210 8.11 -9.72 -21.97
C ALA A 210 7.35 -10.89 -22.64
N PRO A 211 6.01 -10.98 -22.43
CA PRO A 211 5.23 -12.09 -23.01
C PRO A 211 5.18 -12.15 -24.53
N ASN A 212 4.89 -13.34 -25.07
CA ASN A 212 4.72 -13.58 -26.50
C ASN A 212 3.40 -12.98 -26.96
N GLU A 213 3.25 -12.71 -28.27
CA GLU A 213 2.07 -12.08 -28.86
C GLU A 213 0.75 -12.78 -28.51
N ASP A 214 0.75 -14.12 -28.48
CA ASP A 214 -0.43 -14.93 -28.13
C ASP A 214 -0.73 -14.95 -26.61
N GLN A 215 0.20 -14.39 -25.79
CA GLN A 215 0.05 -14.29 -24.33
C GLN A 215 -0.20 -12.82 -23.87
N GLY A 216 -0.72 -12.00 -24.79
CA GLY A 216 -1.03 -10.59 -24.54
C GLY A 216 -0.01 -9.61 -25.10
N GLY A 217 1.16 -10.10 -25.50
CA GLY A 217 2.22 -9.27 -26.06
C GLY A 217 3.06 -8.55 -25.04
N LYS A 218 3.82 -7.54 -25.50
CA LYS A 218 4.76 -6.80 -24.67
C LYS A 218 4.07 -5.76 -23.79
N TYR A 219 4.72 -5.42 -22.68
CA TYR A 219 4.30 -4.35 -21.77
C TYR A 219 4.92 -3.02 -22.26
N VAL A 220 4.48 -1.88 -21.68
CA VAL A 220 4.90 -0.55 -22.13
C VAL A 220 6.42 -0.28 -22.04
N MET A 221 7.12 -0.91 -21.06
CA MET A 221 8.57 -0.75 -20.90
C MET A 221 9.45 -1.56 -21.85
N TYR A 222 8.85 -2.30 -22.79
CA TYR A 222 9.63 -3.05 -23.77
C TYR A 222 10.45 -2.04 -24.63
N PRO A 223 11.73 -2.33 -24.96
CA PRO A 223 12.53 -1.31 -25.69
C PRO A 223 12.05 -1.01 -27.12
N ILE A 224 11.27 -1.92 -27.73
CA ILE A 224 10.75 -1.81 -29.10
C ILE A 224 9.29 -1.38 -29.03
N ALA A 225 8.95 -0.29 -29.76
CA ALA A 225 7.63 0.33 -29.77
C ALA A 225 6.51 -0.62 -30.13
N VAL A 226 5.46 -0.55 -29.31
CA VAL A 226 4.23 -1.32 -29.42
C VAL A 226 3.08 -0.43 -29.90
N SER A 227 2.25 -0.96 -30.80
CA SER A 227 1.05 -0.28 -31.29
C SER A 227 -0.03 -0.81 -30.36
N GLY A 228 -0.72 0.09 -29.64
CA GLY A 228 -1.74 -0.23 -28.64
C GLY A 228 -2.89 -1.14 -29.04
N ASP A 229 -2.60 -2.22 -29.79
CA ASP A 229 -3.59 -3.21 -30.23
C ASP A 229 -3.52 -4.51 -29.41
N HIS A 230 -2.36 -4.82 -28.79
CA HIS A 230 -2.23 -6.03 -27.94
C HIS A 230 -2.58 -5.70 -26.50
N GLU A 231 -3.14 -6.70 -25.79
CA GLU A 231 -3.63 -6.63 -24.41
C GLU A 231 -2.68 -6.04 -23.36
N ASN A 232 -1.37 -6.28 -23.49
CA ASN A 232 -0.40 -5.81 -22.49
C ASN A 232 0.26 -4.47 -22.81
N ASN A 233 0.09 -3.99 -24.06
CA ASN A 233 0.76 -2.80 -24.58
C ASN A 233 0.58 -1.52 -23.76
N LYS A 234 -0.59 -1.33 -23.13
CA LYS A 234 -0.91 -0.14 -22.33
C LYS A 234 -0.74 -0.39 -20.83
N MET A 235 0.03 -1.42 -20.45
CA MET A 235 0.21 -1.76 -19.04
C MET A 235 1.68 -1.87 -18.65
N PHE A 236 1.96 -1.75 -17.36
CA PHE A 236 3.30 -1.95 -16.80
C PHE A 236 3.46 -3.44 -16.42
N SER A 237 4.63 -4.02 -16.75
CA SER A 237 4.99 -5.39 -16.38
C SER A 237 5.23 -5.48 -14.85
N GLN A 238 5.39 -6.71 -14.32
CA GLN A 238 5.75 -6.92 -12.92
C GLN A 238 7.18 -6.41 -12.64
N CYS A 239 8.07 -6.41 -13.65
CA CYS A 239 9.43 -5.88 -13.55
C CYS A 239 9.36 -4.36 -13.34
N SER A 240 8.54 -3.67 -14.16
CA SER A 240 8.35 -2.22 -14.07
C SER A 240 7.71 -1.87 -12.74
N LYS A 241 6.69 -2.63 -12.33
CA LYS A 241 5.97 -2.41 -11.06
C LYS A 241 6.94 -2.51 -9.88
N GLN A 242 7.82 -3.53 -9.84
CA GLN A 242 8.82 -3.68 -8.77
C GLN A 242 9.76 -2.47 -8.70
N SER A 243 10.31 -2.02 -9.85
CA SER A 243 11.18 -0.83 -9.91
C SER A 243 10.48 0.45 -9.50
N ILE A 244 9.28 0.72 -10.05
CA ILE A 244 8.51 1.93 -9.79
C ILE A 244 7.97 1.98 -8.35
N TYR A 245 7.62 0.80 -7.79
CA TYR A 245 7.10 0.71 -6.43
C TYR A 245 8.13 1.27 -5.47
N LYS A 246 9.40 0.83 -5.60
CA LYS A 246 10.54 1.34 -4.84
C LYS A 246 10.72 2.86 -5.04
N THR A 247 10.65 3.37 -6.30
CA THR A 247 10.77 4.82 -6.54
C THR A 247 9.69 5.63 -5.81
N ILE A 248 8.40 5.25 -5.99
CA ILE A 248 7.26 5.94 -5.39
C ILE A 248 7.37 6.02 -3.88
N GLU A 249 7.73 4.90 -3.24
CA GLU A 249 7.96 4.80 -1.78
C GLU A 249 8.98 5.84 -1.31
N SER A 250 10.11 5.94 -2.02
CA SER A 250 11.19 6.88 -1.72
C SER A 250 10.90 8.36 -2.12
N LYS A 251 10.15 8.58 -3.23
CA LYS A 251 9.95 9.90 -3.87
C LYS A 251 8.66 10.68 -3.66
N ALA A 252 7.52 10.02 -3.32
CA ALA A 252 6.25 10.72 -3.15
C ALA A 252 6.28 11.79 -2.05
N GLN A 253 6.92 11.48 -0.90
CA GLN A 253 7.03 12.46 0.17
C GLN A 253 7.90 13.64 -0.25
N GLU A 254 8.90 13.40 -1.11
CA GLU A 254 9.81 14.44 -1.58
C GLU A 254 9.14 15.50 -2.47
N CYS A 255 8.40 15.08 -3.52
CA CYS A 255 7.83 16.09 -4.41
C CYS A 255 6.41 15.85 -4.93
N PHE A 256 5.76 14.72 -4.57
CA PHE A 256 4.37 14.52 -5.02
C PHE A 256 3.42 15.42 -4.22
N GLN A 257 2.30 15.79 -4.85
CA GLN A 257 1.28 16.69 -4.33
C GLN A 257 -0.09 16.02 -4.38
N GLU A 258 -1.10 16.66 -3.77
CA GLU A 258 -2.49 16.19 -3.77
C GLU A 258 -3.08 16.33 -5.18
N ARG A 259 -3.89 15.35 -5.61
CA ARG A 259 -4.57 15.36 -6.91
C ARG A 259 -5.57 16.53 -6.97
N SER A 260 -5.54 17.31 -8.07
CA SER A 260 -6.45 18.43 -8.30
C SER A 260 -7.82 17.94 -8.81
N PRO B 6 -20.53 -15.47 40.41
CA PRO B 6 -21.93 -15.03 40.27
C PRO B 6 -22.05 -13.55 39.88
N MET B 7 -21.65 -12.64 40.80
CA MET B 7 -21.67 -11.19 40.60
C MET B 7 -20.49 -10.79 39.71
N LYS B 8 -19.32 -11.42 39.94
CA LYS B 8 -18.08 -11.20 39.19
C LYS B 8 -18.11 -12.09 37.93
N ASN B 9 -18.91 -11.67 36.94
CA ASN B 9 -19.11 -12.43 35.71
C ASN B 9 -18.64 -11.73 34.42
N THR B 10 -18.00 -10.57 34.56
CA THR B 10 -17.58 -9.79 33.40
C THR B 10 -16.09 -9.53 33.35
N CYS B 11 -15.47 -9.80 32.18
CA CYS B 11 -14.07 -9.47 31.98
C CYS B 11 -14.04 -8.13 31.27
N LYS B 12 -13.61 -7.06 31.99
CA LYS B 12 -13.51 -5.71 31.44
C LYS B 12 -12.34 -5.63 30.48
N LEU B 13 -12.55 -4.97 29.33
CA LEU B 13 -11.57 -4.82 28.28
C LEU B 13 -11.11 -3.43 28.02
N LEU B 14 -9.84 -3.33 27.63
CA LEU B 14 -9.22 -2.15 27.07
C LEU B 14 -9.17 -2.52 25.60
N VAL B 15 -9.81 -1.73 24.74
CA VAL B 15 -9.85 -2.00 23.31
C VAL B 15 -9.05 -0.94 22.57
N VAL B 16 -8.05 -1.37 21.80
CA VAL B 16 -7.21 -0.44 21.05
C VAL B 16 -7.39 -0.64 19.57
N ALA B 17 -7.62 0.46 18.82
CA ALA B 17 -7.65 0.44 17.36
C ALA B 17 -6.43 1.23 16.90
N ASP B 18 -5.56 0.59 16.10
CA ASP B 18 -4.35 1.24 15.60
C ASP B 18 -4.68 2.10 14.34
N HIS B 19 -3.67 2.83 13.78
CA HIS B 19 -3.83 3.68 12.59
C HIS B 19 -4.33 2.93 11.35
N ARG B 20 -3.89 1.66 11.18
CA ARG B 20 -4.29 0.83 10.04
C ARG B 20 -5.78 0.47 10.14
N PHE B 21 -6.25 0.11 11.36
CA PHE B 21 -7.65 -0.23 11.58
C PHE B 21 -8.50 1.02 11.39
N TYR B 22 -8.09 2.14 12.02
CA TYR B 22 -8.74 3.45 11.95
C TYR B 22 -8.96 3.84 10.48
N ARG B 23 -7.90 3.74 9.65
CA ARG B 23 -7.95 4.10 8.25
C ARG B 23 -8.79 3.19 7.39
N TYR B 24 -8.46 1.89 7.34
CA TYR B 24 -9.14 0.91 6.48
C TYR B 24 -10.47 0.31 6.95
N MET B 25 -10.76 0.29 8.28
CA MET B 25 -12.02 -0.27 8.81
C MET B 25 -13.00 0.80 9.31
N GLY B 26 -12.45 1.88 9.87
CA GLY B 26 -13.22 3.00 10.38
C GLY B 26 -13.33 4.13 9.38
N ARG B 27 -12.87 3.91 8.13
CA ARG B 27 -12.87 4.86 7.00
C ARG B 27 -12.27 6.25 7.34
N GLY B 28 -11.25 6.26 8.20
CA GLY B 28 -10.59 7.47 8.67
C GLY B 28 -11.45 8.30 9.59
N GLU B 29 -12.51 7.70 10.15
CA GLU B 29 -13.46 8.37 11.04
C GLU B 29 -13.47 7.73 12.41
N GLU B 30 -13.41 8.57 13.45
CA GLU B 30 -13.39 8.15 14.85
C GLU B 30 -14.70 7.47 15.27
N SER B 31 -15.85 8.05 14.88
CA SER B 31 -17.19 7.54 15.20
C SER B 31 -17.41 6.14 14.59
N THR B 32 -17.03 5.96 13.30
CA THR B 32 -17.17 4.72 12.56
C THR B 32 -16.34 3.59 13.22
N THR B 33 -15.06 3.91 13.58
CA THR B 33 -14.15 2.96 14.26
C THR B 33 -14.73 2.49 15.58
N THR B 34 -15.15 3.45 16.44
CA THR B 34 -15.71 3.23 17.77
C THR B 34 -16.95 2.34 17.71
N ASN B 35 -17.92 2.70 16.84
CA ASN B 35 -19.17 1.95 16.65
C ASN B 35 -18.91 0.54 16.15
N TYR B 36 -17.94 0.35 15.23
CA TYR B 36 -17.57 -0.98 14.72
C TYR B 36 -17.17 -1.88 15.92
N LEU B 37 -16.29 -1.37 16.80
CA LEU B 37 -15.75 -2.09 17.94
C LEU B 37 -16.79 -2.35 19.01
N ILE B 38 -17.66 -1.34 19.29
CA ILE B 38 -18.76 -1.47 20.24
C ILE B 38 -19.68 -2.63 19.82
N GLU B 39 -20.10 -2.63 18.54
CA GLU B 39 -20.98 -3.67 18.02
C GLU B 39 -20.33 -5.05 17.98
N LEU B 40 -19.07 -5.13 17.54
CA LEU B 40 -18.32 -6.40 17.49
C LEU B 40 -18.23 -7.01 18.90
N ILE B 41 -17.72 -6.24 19.91
CA ILE B 41 -17.62 -6.71 21.29
C ILE B 41 -18.97 -7.18 21.83
N ASP B 42 -20.05 -6.42 21.53
CA ASP B 42 -21.40 -6.77 21.94
C ASP B 42 -21.84 -8.13 21.34
N ARG B 43 -21.55 -8.39 20.04
CA ARG B 43 -21.92 -9.68 19.40
C ARG B 43 -21.05 -10.85 19.97
N VAL B 44 -19.76 -10.60 20.22
CA VAL B 44 -18.85 -11.58 20.82
C VAL B 44 -19.35 -11.88 22.24
N ASP B 45 -19.75 -10.83 22.98
CA ASP B 45 -20.32 -11.01 24.31
C ASP B 45 -21.55 -11.91 24.28
N ASP B 46 -22.44 -11.77 23.26
CA ASP B 46 -23.62 -12.62 23.13
C ASP B 46 -23.22 -14.12 23.11
N ILE B 47 -22.16 -14.46 22.39
CA ILE B 47 -21.68 -15.85 22.29
C ILE B 47 -21.25 -16.36 23.68
N TYR B 48 -20.42 -15.57 24.38
CA TYR B 48 -19.89 -15.85 25.71
C TYR B 48 -21.01 -16.02 26.74
N ARG B 49 -21.91 -15.03 26.84
CA ARG B 49 -23.02 -15.04 27.80
C ARG B 49 -23.92 -16.25 27.68
N ASN B 50 -24.20 -16.72 26.46
CA ASN B 50 -25.05 -17.88 26.19
C ASN B 50 -24.33 -19.22 26.36
N THR B 51 -23.00 -19.21 26.62
CA THR B 51 -22.24 -20.46 26.78
C THR B 51 -22.38 -21.01 28.20
N ALA B 52 -22.81 -22.28 28.31
CA ALA B 52 -22.95 -22.96 29.60
C ALA B 52 -21.67 -23.78 29.76
N TRP B 53 -20.69 -23.21 30.47
CA TRP B 53 -19.37 -23.81 30.70
C TRP B 53 -19.37 -25.20 31.35
N ASP B 54 -20.45 -25.56 32.08
CA ASP B 54 -20.63 -26.87 32.73
C ASP B 54 -21.74 -27.69 32.04
N ASN B 55 -22.28 -27.18 30.92
CA ASN B 55 -23.39 -27.74 30.13
C ASN B 55 -24.71 -27.79 30.91
N ALA B 56 -24.91 -26.82 31.81
CA ALA B 56 -26.11 -26.72 32.62
C ALA B 56 -26.54 -25.25 32.73
N GLY B 57 -26.31 -24.64 33.89
CA GLY B 57 -26.69 -23.27 34.18
C GLY B 57 -25.54 -22.37 34.52
N PHE B 58 -24.28 -22.86 34.40
CA PHE B 58 -23.12 -22.01 34.68
C PHE B 58 -22.83 -21.14 33.44
N LYS B 59 -23.75 -20.18 33.17
CA LYS B 59 -23.69 -19.24 32.06
C LYS B 59 -23.75 -17.78 32.58
N GLY B 60 -23.84 -16.83 31.66
CA GLY B 60 -23.89 -15.41 32.02
C GLY B 60 -22.53 -14.78 32.18
N TYR B 61 -21.45 -15.49 31.75
CA TYR B 61 -20.09 -14.96 31.79
C TYR B 61 -19.74 -14.33 30.46
N GLY B 62 -19.09 -13.18 30.50
CA GLY B 62 -18.72 -12.50 29.27
C GLY B 62 -17.75 -11.35 29.41
N ILE B 63 -17.84 -10.43 28.44
CA ILE B 63 -16.93 -9.31 28.28
C ILE B 63 -17.67 -7.97 28.19
N GLN B 64 -16.95 -6.87 28.37
CA GLN B 64 -17.49 -5.52 28.28
C GLN B 64 -16.36 -4.54 28.11
N ILE B 65 -16.51 -3.57 27.18
CA ILE B 65 -15.50 -2.54 26.95
C ILE B 65 -15.50 -1.57 28.15
N GLU B 66 -14.31 -1.31 28.71
CA GLU B 66 -14.12 -0.34 29.79
C GLU B 66 -13.55 0.93 29.15
N GLN B 67 -12.61 0.78 28.21
CA GLN B 67 -11.99 1.91 27.49
C GLN B 67 -11.71 1.55 26.04
N ILE B 68 -11.88 2.52 25.14
CA ILE B 68 -11.57 2.44 23.72
C ILE B 68 -10.49 3.48 23.41
N ARG B 69 -9.37 3.04 22.85
CA ARG B 69 -8.29 3.92 22.43
C ARG B 69 -8.17 3.86 20.92
N ILE B 70 -8.44 5.00 20.24
CA ILE B 70 -8.36 5.09 18.79
C ILE B 70 -7.10 5.88 18.42
N LEU B 71 -6.18 5.23 17.72
CA LEU B 71 -4.91 5.82 17.30
C LEU B 71 -5.05 6.25 15.83
N LYS B 72 -5.37 7.54 15.63
CA LYS B 72 -5.65 8.17 14.33
C LYS B 72 -4.48 8.20 13.35
N SER B 73 -3.25 8.25 13.88
CA SER B 73 -2.04 8.38 13.07
C SER B 73 -0.93 7.40 13.50
N PRO B 74 0.01 7.03 12.57
CA PRO B 74 1.12 6.15 12.97
C PRO B 74 2.00 6.78 14.06
N GLN B 75 2.58 5.94 14.92
CA GLN B 75 3.47 6.37 15.99
C GLN B 75 4.85 6.69 15.41
N GLU B 76 5.40 7.86 15.77
CA GLU B 76 6.75 8.28 15.33
C GLU B 76 7.78 7.44 16.07
N VAL B 77 8.73 6.85 15.34
CA VAL B 77 9.78 6.02 15.95
C VAL B 77 11.20 6.49 15.61
N LYS B 78 12.12 6.38 16.58
CA LYS B 78 13.53 6.73 16.43
C LYS B 78 14.26 5.59 15.66
N PRO B 79 15.47 5.81 15.07
CA PRO B 79 16.14 4.70 14.35
C PRO B 79 16.50 3.56 15.31
N GLY B 80 16.09 2.35 14.94
CA GLY B 80 16.26 1.16 15.76
C GLY B 80 15.13 0.96 16.76
N GLU B 81 14.20 1.93 16.85
CA GLU B 81 13.07 1.85 17.77
C GLU B 81 11.82 1.29 17.08
N LYS B 82 10.97 0.61 17.85
CA LYS B 82 9.72 0.04 17.39
C LYS B 82 8.56 0.29 18.35
N HIS B 83 7.33 0.31 17.81
CA HIS B 83 6.07 0.53 18.53
C HIS B 83 5.01 -0.20 17.71
N TYR B 84 4.01 -0.80 18.36
CA TYR B 84 2.96 -1.56 17.65
C TYR B 84 2.19 -0.72 16.62
N ASN B 85 2.13 0.62 16.85
CA ASN B 85 1.45 1.59 16.00
C ASN B 85 2.34 2.36 14.99
N MET B 86 3.61 1.96 14.82
CA MET B 86 4.48 2.61 13.82
C MET B 86 3.99 2.33 12.39
N ALA B 87 4.38 3.17 11.41
CA ALA B 87 3.98 3.04 10.01
C ALA B 87 4.49 1.76 9.34
N LYS B 88 5.79 1.46 9.53
CA LYS B 88 6.46 0.29 8.94
C LYS B 88 6.15 -1.02 9.71
N SER B 89 6.24 -2.17 9.01
CA SER B 89 6.06 -3.49 9.57
C SER B 89 7.41 -3.99 10.10
N TYR B 90 7.40 -4.90 11.10
CA TYR B 90 8.62 -5.45 11.70
C TYR B 90 8.51 -6.98 11.85
N PRO B 91 9.58 -7.78 11.57
CA PRO B 91 10.95 -7.39 11.18
C PRO B 91 11.16 -6.98 9.73
N ASN B 92 10.25 -7.40 8.84
CA ASN B 92 10.35 -7.08 7.42
C ASN B 92 9.49 -5.90 7.03
N GLU B 93 10.15 -4.77 6.78
CA GLU B 93 9.57 -3.49 6.36
C GLU B 93 8.83 -3.64 5.03
N GLU B 94 9.37 -4.49 4.11
CA GLU B 94 8.82 -4.75 2.78
C GLU B 94 7.48 -5.51 2.77
N LYS B 95 7.17 -6.28 3.83
CA LYS B 95 5.92 -7.04 3.96
C LYS B 95 4.80 -6.17 4.54
N ASP B 96 3.53 -6.42 4.14
CA ASP B 96 2.37 -5.65 4.63
C ASP B 96 2.18 -5.75 6.15
N ALA B 97 2.51 -6.93 6.72
CA ALA B 97 2.32 -7.20 8.14
C ALA B 97 3.59 -7.51 8.93
N TRP B 98 3.48 -7.30 10.25
CA TRP B 98 4.51 -7.66 11.22
C TRP B 98 4.52 -9.18 11.31
N ASP B 99 5.58 -9.73 11.95
CA ASP B 99 5.57 -11.11 12.37
C ASP B 99 4.56 -11.03 13.54
N VAL B 100 3.47 -11.79 13.46
CA VAL B 100 2.37 -11.74 14.44
C VAL B 100 2.83 -11.93 15.91
N LYS B 101 3.76 -12.87 16.17
CA LYS B 101 4.29 -13.13 17.51
C LYS B 101 4.97 -11.88 18.08
N MET B 102 5.82 -11.24 17.27
CA MET B 102 6.55 -10.02 17.61
C MET B 102 5.59 -8.84 17.83
N LEU B 103 4.53 -8.73 17.00
CA LEU B 103 3.53 -7.68 17.16
C LEU B 103 2.82 -7.78 18.51
N LEU B 104 2.35 -9.00 18.90
CA LEU B 104 1.67 -9.16 20.19
C LEU B 104 2.58 -8.79 21.37
N GLU B 105 3.84 -9.23 21.32
CA GLU B 105 4.80 -8.91 22.37
C GLU B 105 5.00 -7.37 22.45
N GLN B 106 5.21 -6.73 21.28
CA GLN B 106 5.36 -5.27 21.15
C GLN B 106 4.15 -4.53 21.74
N PHE B 107 2.92 -4.90 21.30
CA PHE B 107 1.69 -4.31 21.85
C PHE B 107 1.67 -4.42 23.38
N SER B 108 1.95 -5.64 23.92
CA SER B 108 1.98 -5.92 25.36
C SER B 108 2.98 -5.02 26.09
N PHE B 109 4.14 -4.74 25.45
CA PHE B 109 5.18 -3.86 26.00
C PHE B 109 4.65 -2.41 26.07
N ASP B 110 4.24 -1.87 24.92
CA ASP B 110 3.75 -0.50 24.81
C ASP B 110 2.51 -0.17 25.64
N ILE B 111 1.61 -1.15 25.86
CA ILE B 111 0.36 -0.95 26.58
C ILE B 111 0.39 -1.40 28.05
N ALA B 112 1.58 -1.83 28.52
CA ALA B 112 1.83 -2.37 29.86
C ALA B 112 1.15 -1.62 31.01
N GLU B 113 1.36 -0.30 31.10
CA GLU B 113 0.78 0.53 32.16
C GLU B 113 -0.76 0.46 32.16
N GLU B 114 -1.36 0.53 30.97
CA GLU B 114 -2.82 0.44 30.81
C GLU B 114 -3.34 -1.00 31.05
N ALA B 115 -2.62 -2.02 30.50
CA ALA B 115 -2.99 -3.44 30.66
C ALA B 115 -3.03 -3.89 32.12
N SER B 116 -2.17 -3.30 32.99
CA SER B 116 -2.11 -3.61 34.43
C SER B 116 -3.40 -3.31 35.19
N LYS B 117 -4.25 -2.43 34.61
CA LYS B 117 -5.49 -1.95 35.20
C LYS B 117 -6.77 -2.63 34.67
N VAL B 118 -6.65 -3.54 33.68
CA VAL B 118 -7.82 -4.22 33.08
C VAL B 118 -7.68 -5.74 33.05
N CYS B 119 -8.83 -6.47 33.03
CA CYS B 119 -8.90 -7.94 32.90
C CYS B 119 -8.15 -8.37 31.62
N LEU B 120 -8.45 -7.72 30.49
CA LEU B 120 -7.78 -7.98 29.21
C LEU B 120 -7.60 -6.73 28.40
N ALA B 121 -6.55 -6.69 27.55
CA ALA B 121 -6.28 -5.64 26.59
C ALA B 121 -6.34 -6.29 25.19
N HIS B 122 -7.07 -5.68 24.25
CA HIS B 122 -7.17 -6.24 22.89
C HIS B 122 -6.84 -5.22 21.81
N LEU B 123 -5.93 -5.59 20.91
CA LEU B 123 -5.52 -4.78 19.76
C LEU B 123 -6.32 -5.14 18.49
N PHE B 124 -6.86 -4.12 17.82
CA PHE B 124 -7.53 -4.31 16.52
C PHE B 124 -6.68 -3.64 15.45
N THR B 125 -6.23 -4.42 14.48
CA THR B 125 -5.36 -3.98 13.40
C THR B 125 -5.89 -4.41 12.02
N TYR B 126 -5.18 -4.01 10.97
CA TYR B 126 -5.53 -4.32 9.59
C TYR B 126 -4.22 -4.70 8.85
N GLN B 127 -3.77 -5.96 9.04
CA GLN B 127 -2.52 -6.51 8.50
C GLN B 127 -2.70 -7.92 7.98
N ASP B 128 -2.11 -8.19 6.80
CA ASP B 128 -2.18 -9.51 6.19
C ASP B 128 -1.04 -10.45 6.66
N PHE B 129 -1.20 -11.06 7.86
CA PHE B 129 -0.18 -11.97 8.41
C PHE B 129 -0.02 -13.24 7.55
N ASP B 130 1.18 -13.85 7.52
CA ASP B 130 1.47 -15.04 6.73
C ASP B 130 0.68 -16.28 7.18
N MET B 131 0.56 -17.29 6.28
CA MET B 131 -0.08 -18.59 6.49
C MET B 131 -1.56 -18.54 6.96
N GLY B 132 -2.29 -17.51 6.53
CA GLY B 132 -3.71 -17.34 6.89
C GLY B 132 -4.02 -16.97 8.32
N THR B 133 -2.99 -16.58 9.12
CA THR B 133 -3.14 -16.14 10.52
C THR B 133 -3.97 -14.84 10.56
N LEU B 134 -4.91 -14.77 11.49
CA LEU B 134 -5.78 -13.59 11.69
C LEU B 134 -5.65 -12.94 13.07
N GLY B 135 -5.14 -13.68 14.04
CA GLY B 135 -4.94 -13.16 15.38
C GLY B 135 -3.96 -13.97 16.19
N LEU B 136 -3.73 -13.51 17.43
CA LEU B 136 -2.85 -14.15 18.40
C LEU B 136 -3.24 -13.68 19.79
N ALA B 137 -3.04 -14.53 20.80
CA ALA B 137 -3.42 -14.22 22.19
C ALA B 137 -2.67 -15.15 23.14
N TYR B 138 -2.47 -14.71 24.39
CA TYR B 138 -1.80 -15.54 25.40
C TYR B 138 -2.83 -16.25 26.26
N GLY B 139 -2.42 -17.37 26.84
CA GLY B 139 -3.27 -18.12 27.76
C GLY B 139 -3.50 -19.55 27.35
N GLY B 140 -3.19 -19.86 26.09
CA GLY B 140 -3.33 -21.20 25.53
C GLY B 140 -2.10 -21.70 24.79
N SER B 141 -0.91 -21.08 25.04
CA SER B 141 0.35 -21.47 24.38
C SER B 141 1.50 -21.58 25.42
N PRO B 142 2.31 -22.68 25.44
CA PRO B 142 2.28 -23.86 24.55
C PRO B 142 1.23 -24.94 24.90
N ARG B 143 0.30 -24.63 25.83
CA ARG B 143 -0.77 -25.52 26.28
C ARG B 143 -1.92 -24.71 26.91
N ALA B 144 -3.10 -25.34 27.10
CA ALA B 144 -4.25 -24.72 27.76
C ALA B 144 -3.87 -24.27 29.18
N ASN B 145 -4.40 -23.10 29.62
CA ASN B 145 -4.15 -22.51 30.95
C ASN B 145 -2.65 -22.21 31.23
N SER B 146 -1.89 -21.76 30.21
CA SER B 146 -0.47 -21.42 30.39
C SER B 146 -0.32 -19.96 30.85
N HIS B 147 0.90 -19.39 30.71
CA HIS B 147 1.20 -18.00 31.09
C HIS B 147 0.26 -17.02 30.38
N GLY B 148 -0.22 -16.03 31.12
CA GLY B 148 -1.07 -15.00 30.56
C GLY B 148 -2.55 -15.26 30.50
N GLY B 149 -3.23 -14.51 29.64
CA GLY B 149 -4.68 -14.60 29.52
C GLY B 149 -5.35 -13.66 30.50
N VAL B 150 -6.61 -13.93 30.85
CA VAL B 150 -7.39 -13.07 31.76
C VAL B 150 -6.67 -12.73 33.07
N CYS B 151 -6.79 -11.47 33.51
CA CYS B 151 -6.28 -10.90 34.77
C CYS B 151 -4.82 -10.51 34.72
N PRO B 152 -4.50 -9.22 34.98
CA PRO B 152 -3.11 -8.78 34.85
C PRO B 152 -2.18 -9.36 35.91
N LYS B 153 -1.06 -9.94 35.46
CA LYS B 153 -0.02 -10.56 36.29
C LYS B 153 1.30 -10.14 35.66
N ALA B 154 2.11 -9.40 36.41
CA ALA B 154 3.38 -8.90 35.91
C ALA B 154 4.38 -10.02 35.60
N TYR B 155 5.06 -9.86 34.46
CA TYR B 155 6.15 -10.71 33.97
C TYR B 155 7.28 -9.76 33.64
N TYR B 156 8.43 -9.91 34.33
CA TYR B 156 9.56 -9.04 34.05
C TYR B 156 10.16 -9.32 32.67
N SER B 157 10.28 -8.27 31.83
CA SER B 157 10.88 -8.39 30.52
C SER B 157 12.34 -7.90 30.62
N PRO B 158 13.33 -8.82 30.67
CA PRO B 158 14.74 -8.39 30.83
C PRO B 158 15.21 -7.38 29.77
N VAL B 159 14.90 -7.63 28.48
CA VAL B 159 15.28 -6.72 27.38
C VAL B 159 14.49 -5.38 27.45
N GLY B 160 13.22 -5.47 27.83
CA GLY B 160 12.33 -4.32 27.95
C GLY B 160 12.61 -3.45 29.18
N LYS B 161 13.36 -4.02 30.16
CA LYS B 161 13.75 -3.37 31.43
C LYS B 161 12.56 -2.93 32.31
N LYS B 162 11.41 -3.62 32.19
CA LYS B 162 10.20 -3.30 32.95
C LYS B 162 9.24 -4.49 32.98
N ASN B 163 8.21 -4.40 33.84
CA ASN B 163 7.15 -5.39 33.95
C ASN B 163 6.18 -5.26 32.78
N ILE B 164 5.84 -6.39 32.15
CA ILE B 164 4.85 -6.44 31.06
C ILE B 164 3.71 -7.33 31.50
N TYR B 165 2.60 -7.35 30.73
CA TYR B 165 1.45 -8.16 31.10
C TYR B 165 1.05 -9.03 29.91
N LEU B 166 0.57 -10.24 30.18
CA LEU B 166 0.23 -11.21 29.13
C LEU B 166 -1.27 -11.42 29.05
N ASN B 167 -2.02 -10.42 29.54
CA ASN B 167 -3.48 -10.40 29.49
C ASN B 167 -3.87 -9.70 28.15
N SER B 168 -3.28 -10.17 27.06
CA SER B 168 -3.48 -9.51 25.78
C SER B 168 -3.75 -10.43 24.60
N GLY B 169 -4.25 -9.82 23.55
CA GLY B 169 -4.56 -10.50 22.29
C GLY B 169 -4.74 -9.48 21.20
N LEU B 170 -4.78 -9.96 19.95
CA LEU B 170 -5.01 -9.10 18.81
C LEU B 170 -5.87 -9.78 17.76
N THR B 171 -6.56 -8.96 16.96
CA THR B 171 -7.41 -9.37 15.82
C THR B 171 -7.02 -8.48 14.64
N SER B 172 -6.82 -9.10 13.46
CA SER B 172 -6.62 -8.39 12.19
C SER B 172 -7.88 -8.66 11.33
N THR B 173 -8.39 -7.63 10.63
CA THR B 173 -9.55 -7.80 9.73
C THR B 173 -9.16 -7.88 8.23
N LYS B 174 -7.86 -8.14 7.96
CA LYS B 174 -7.34 -8.29 6.61
C LYS B 174 -6.70 -9.68 6.46
N ASN B 175 -7.03 -10.36 5.35
CA ASN B 175 -6.50 -11.68 5.03
C ASN B 175 -6.46 -11.86 3.53
N TYR B 176 -5.35 -12.42 3.03
CA TYR B 176 -5.10 -12.67 1.60
C TYR B 176 -5.43 -11.45 0.72
N GLY B 177 -4.98 -10.27 1.17
CA GLY B 177 -5.13 -8.97 0.51
C GLY B 177 -6.49 -8.29 0.52
N LYS B 178 -7.48 -8.85 1.25
CA LYS B 178 -8.83 -8.30 1.30
C LYS B 178 -9.39 -8.17 2.72
N THR B 179 -10.46 -7.37 2.89
CA THR B 179 -11.18 -7.19 4.14
C THR B 179 -11.98 -8.46 4.38
N ILE B 180 -11.84 -9.05 5.57
CA ILE B 180 -12.61 -10.26 5.89
C ILE B 180 -14.05 -9.80 6.21
N LEU B 181 -15.02 -10.72 6.07
CA LEU B 181 -16.40 -10.40 6.40
C LEU B 181 -16.49 -10.15 7.91
N THR B 182 -17.37 -9.25 8.33
CA THR B 182 -17.59 -8.96 9.76
C THR B 182 -17.93 -10.23 10.56
N LYS B 183 -18.70 -11.16 9.95
CA LYS B 183 -19.04 -12.41 10.63
C LYS B 183 -17.75 -13.25 10.94
N GLU B 184 -16.72 -13.12 10.10
CA GLU B 184 -15.46 -13.79 10.36
C GLU B 184 -14.66 -13.04 11.40
N ALA B 185 -14.67 -11.68 11.33
CA ALA B 185 -13.97 -10.83 12.30
C ALA B 185 -14.47 -11.13 13.71
N ASP B 186 -15.80 -11.27 13.91
CA ASP B 186 -16.39 -11.65 15.21
C ASP B 186 -15.76 -12.96 15.74
N LEU B 187 -15.56 -13.94 14.86
CA LEU B 187 -14.98 -15.23 15.24
C LEU B 187 -13.51 -15.17 15.56
N VAL B 188 -12.76 -14.28 14.91
CA VAL B 188 -11.33 -14.06 15.19
C VAL B 188 -11.22 -13.61 16.64
N THR B 189 -11.98 -12.56 16.98
CA THR B 189 -12.00 -12.01 18.33
C THR B 189 -12.50 -13.03 19.37
N THR B 190 -13.57 -13.78 19.06
CA THR B 190 -14.09 -14.81 19.97
C THR B 190 -12.98 -15.87 20.22
N HIS B 191 -12.32 -16.34 19.14
CA HIS B 191 -11.23 -17.33 19.21
C HIS B 191 -10.07 -16.80 20.07
N GLU B 192 -9.60 -15.56 19.80
CA GLU B 192 -8.44 -15.01 20.55
C GLU B 192 -8.77 -14.81 22.02
N LEU B 193 -9.97 -14.26 22.32
CA LEU B 193 -10.39 -14.14 23.72
C LEU B 193 -10.61 -15.55 24.32
N GLY B 194 -10.90 -16.55 23.48
CA GLY B 194 -11.05 -17.94 23.92
C GLY B 194 -9.76 -18.43 24.54
N HIS B 195 -8.62 -18.17 23.85
CA HIS B 195 -7.25 -18.44 24.31
C HIS B 195 -6.99 -17.67 25.62
N ASN B 196 -7.41 -16.36 25.68
CA ASN B 196 -7.24 -15.56 26.90
C ASN B 196 -8.01 -16.17 28.08
N PHE B 197 -9.18 -16.75 27.80
CA PHE B 197 -10.03 -17.42 28.79
C PHE B 197 -9.51 -18.85 29.13
N GLY B 198 -8.36 -19.24 28.56
CA GLY B 198 -7.68 -20.50 28.86
C GLY B 198 -7.69 -21.62 27.85
N ALA B 199 -8.56 -21.53 26.83
CA ALA B 199 -8.69 -22.60 25.83
C ALA B 199 -7.54 -22.72 24.87
N GLU B 200 -7.26 -23.96 24.49
CA GLU B 200 -6.29 -24.24 23.45
C GLU B 200 -7.15 -24.62 22.22
N HIS B 201 -6.51 -24.94 21.12
CA HIS B 201 -7.24 -25.32 19.93
C HIS B 201 -7.97 -26.62 20.07
N ASP B 202 -9.08 -26.71 19.34
CA ASP B 202 -9.81 -27.95 19.19
C ASP B 202 -8.93 -28.86 18.30
N PRO B 203 -9.17 -30.18 18.29
CA PRO B 203 -8.38 -31.04 17.37
C PRO B 203 -8.70 -30.74 15.90
N ASP B 204 -7.72 -30.96 15.00
CA ASP B 204 -7.96 -30.76 13.58
C ASP B 204 -8.67 -32.00 13.05
N GLY B 205 -9.31 -31.86 11.89
CA GLY B 205 -10.01 -32.97 11.25
C GLY B 205 -11.35 -33.22 11.90
N LEU B 206 -11.66 -34.50 12.17
CA LEU B 206 -12.94 -34.89 12.77
C LEU B 206 -12.73 -35.49 14.16
N ALA B 207 -13.47 -34.97 15.15
CA ALA B 207 -13.42 -35.42 16.55
C ALA B 207 -14.68 -34.93 17.22
N GLU B 208 -14.93 -35.36 18.47
CA GLU B 208 -16.11 -34.89 19.22
C GLU B 208 -16.08 -33.35 19.23
N CYS B 209 -14.89 -32.75 19.45
CA CYS B 209 -14.71 -31.29 19.48
C CYS B 209 -14.42 -30.62 18.13
N ALA B 210 -14.67 -31.33 17.01
CA ALA B 210 -14.49 -30.86 15.64
C ALA B 210 -15.47 -31.62 14.74
N PRO B 211 -16.79 -31.33 14.84
CA PRO B 211 -17.80 -32.09 14.07
C PRO B 211 -17.74 -31.96 12.56
N ASN B 212 -18.43 -32.87 11.85
CA ASN B 212 -18.52 -32.83 10.40
C ASN B 212 -19.54 -31.73 10.00
N GLU B 213 -19.61 -31.42 8.69
CA GLU B 213 -20.49 -30.39 8.14
C GLU B 213 -21.97 -30.66 8.44
N ASP B 214 -22.38 -31.93 8.39
CA ASP B 214 -23.75 -32.35 8.65
C ASP B 214 -24.18 -32.07 10.10
N GLN B 215 -23.21 -32.16 11.04
CA GLN B 215 -23.44 -31.93 12.48
C GLN B 215 -23.27 -30.46 12.91
N GLY B 216 -23.10 -29.56 11.94
CA GLY B 216 -22.98 -28.12 12.21
C GLY B 216 -21.59 -27.52 12.04
N GLY B 217 -20.61 -28.35 11.70
CA GLY B 217 -19.24 -27.88 11.44
C GLY B 217 -18.37 -27.71 12.67
N LYS B 218 -17.23 -27.07 12.48
CA LYS B 218 -16.24 -26.85 13.54
C LYS B 218 -16.67 -25.78 14.53
N TYR B 219 -16.11 -25.86 15.74
CA TYR B 219 -16.34 -24.91 16.82
C TYR B 219 -15.31 -23.79 16.69
N VAL B 220 -15.54 -22.67 17.41
CA VAL B 220 -14.69 -21.48 17.31
C VAL B 220 -13.19 -21.69 17.59
N MET B 221 -12.82 -22.66 18.46
CA MET B 221 -11.42 -22.91 18.80
C MET B 221 -10.68 -23.77 17.77
N TYR B 222 -11.32 -24.02 16.62
CA TYR B 222 -10.67 -24.73 15.54
C TYR B 222 -9.36 -23.99 15.17
N PRO B 223 -8.24 -24.70 14.93
CA PRO B 223 -6.95 -24.00 14.69
C PRO B 223 -6.88 -23.13 13.44
N ILE B 224 -7.65 -23.49 12.41
CA ILE B 224 -7.71 -22.77 11.12
C ILE B 224 -9.02 -21.99 11.09
N ALA B 225 -8.93 -20.70 10.70
CA ALA B 225 -10.08 -19.77 10.63
C ALA B 225 -11.29 -20.39 9.97
N VAL B 226 -12.38 -20.48 10.73
CA VAL B 226 -13.65 -20.97 10.23
C VAL B 226 -14.35 -19.79 9.53
N SER B 227 -15.11 -20.06 8.46
CA SER B 227 -15.78 -19.01 7.68
C SER B 227 -16.88 -18.27 8.44
N GLY B 228 -17.54 -18.96 9.38
CA GLY B 228 -18.71 -18.46 10.09
C GLY B 228 -19.99 -18.83 9.36
N ASP B 229 -19.88 -19.68 8.31
CA ASP B 229 -21.00 -20.16 7.48
C ASP B 229 -21.82 -21.25 8.18
N HIS B 230 -21.20 -21.99 9.13
CA HIS B 230 -21.73 -23.17 9.81
C HIS B 230 -22.18 -22.87 11.24
N GLU B 231 -23.28 -23.51 11.68
CA GLU B 231 -23.89 -23.30 13.00
C GLU B 231 -22.92 -23.37 14.20
N ASN B 232 -22.00 -24.33 14.20
CA ASN B 232 -21.07 -24.49 15.34
C ASN B 232 -19.95 -23.46 15.38
N ASN B 233 -19.66 -22.80 14.24
CA ASN B 233 -18.57 -21.82 14.12
C ASN B 233 -18.63 -20.73 15.18
N LYS B 234 -19.84 -20.31 15.58
CA LYS B 234 -20.01 -19.27 16.61
C LYS B 234 -20.14 -19.86 18.02
N MET B 235 -19.88 -21.17 18.18
N MET B 235 -19.90 -21.18 18.19
CA MET B 235 -20.01 -21.86 19.47
CA MET B 235 -20.03 -21.86 19.48
C MET B 235 -18.69 -22.42 19.98
C MET B 235 -18.71 -22.46 19.97
N PHE B 236 -18.61 -22.66 21.30
CA PHE B 236 -17.43 -23.27 21.93
C PHE B 236 -17.67 -24.79 22.04
N SER B 237 -16.61 -25.58 21.76
CA SER B 237 -16.64 -27.05 21.89
C SER B 237 -16.69 -27.47 23.37
N GLN B 238 -16.91 -28.78 23.62
CA GLN B 238 -16.85 -29.36 24.97
C GLN B 238 -15.42 -29.23 25.49
N CYS B 239 -14.41 -29.40 24.61
CA CYS B 239 -13.01 -29.26 24.94
C CYS B 239 -12.69 -27.84 25.43
N SER B 240 -13.21 -26.82 24.71
CA SER B 240 -13.02 -25.41 25.09
C SER B 240 -13.77 -25.10 26.39
N LYS B 241 -15.00 -25.63 26.55
CA LYS B 241 -15.83 -25.44 27.76
C LYS B 241 -15.11 -25.96 29.02
N GLN B 242 -14.49 -27.15 28.94
CA GLN B 242 -13.72 -27.80 30.02
C GLN B 242 -12.50 -26.96 30.42
N SER B 243 -11.69 -26.48 29.44
CA SER B 243 -10.54 -25.63 29.74
C SER B 243 -10.97 -24.27 30.33
N ILE B 244 -11.99 -23.61 29.74
CA ILE B 244 -12.46 -22.28 30.21
C ILE B 244 -13.13 -22.33 31.60
N TYR B 245 -13.91 -23.40 31.88
CA TYR B 245 -14.57 -23.60 33.18
C TYR B 245 -13.54 -23.59 34.32
N LYS B 246 -12.36 -24.20 34.11
CA LYS B 246 -11.25 -24.21 35.08
C LYS B 246 -10.66 -22.79 35.23
N THR B 247 -10.63 -21.99 34.15
CA THR B 247 -10.14 -20.61 34.24
C THR B 247 -11.15 -19.78 35.05
N ILE B 248 -12.46 -19.87 34.71
CA ILE B 248 -13.51 -19.11 35.39
C ILE B 248 -13.58 -19.43 36.90
N GLU B 249 -13.36 -20.70 37.28
CA GLU B 249 -13.34 -21.19 38.66
C GLU B 249 -12.17 -20.62 39.48
N SER B 250 -11.09 -20.16 38.82
CA SER B 250 -9.92 -19.60 39.51
C SER B 250 -9.54 -18.15 39.16
N LYS B 251 -10.27 -17.50 38.22
CA LYS B 251 -9.96 -16.13 37.77
C LYS B 251 -11.07 -15.08 37.96
N ALA B 252 -12.34 -15.52 38.15
CA ALA B 252 -13.46 -14.59 38.33
C ALA B 252 -13.30 -13.73 39.60
N GLN B 253 -12.86 -14.35 40.72
CA GLN B 253 -12.63 -13.63 41.97
C GLN B 253 -11.46 -12.65 41.87
N GLU B 254 -10.43 -12.99 41.08
CA GLU B 254 -9.24 -12.17 40.88
C GLU B 254 -9.48 -10.85 40.15
N CYS B 255 -10.13 -10.89 38.96
CA CYS B 255 -10.30 -9.65 38.20
C CYS B 255 -11.66 -9.45 37.54
N PHE B 256 -12.58 -10.43 37.59
CA PHE B 256 -13.91 -10.25 36.98
C PHE B 256 -14.78 -9.37 37.86
N GLN B 257 -15.61 -8.52 37.22
CA GLN B 257 -16.47 -7.56 37.90
C GLN B 257 -17.94 -7.74 37.52
N GLU B 258 -18.79 -6.85 38.02
CA GLU B 258 -20.20 -6.80 37.69
C GLU B 258 -20.32 -6.01 36.38
N ARG B 259 -21.43 -6.23 35.65
CA ARG B 259 -21.75 -5.54 34.40
C ARG B 259 -21.97 -4.05 34.66
#